data_7LFL
#
_entry.id   7LFL
#
_cell.length_a   116.376
_cell.length_b   66.009
_cell.length_c   55.216
_cell.angle_alpha   90.000
_cell.angle_beta   113.334
_cell.angle_gamma   90.000
#
_symmetry.space_group_name_H-M   'C 1 2 1'
#
loop_
_entity.id
_entity.type
_entity.pdbx_description
1 polymer 'Histocompatibility 2, M region locus 3'
2 polymer Beta-2-microglobulin
3 polymer 'Heptapeptide from NADH-ubiquinone oxidoreductase chain 1'
4 non-polymer 2-acetamido-2-deoxy-beta-D-glucopyranose
5 water water
#
loop_
_entity_poly.entity_id
_entity_poly.type
_entity_poly.pdbx_seq_one_letter_code
_entity_poly.pdbx_strand_id
1 'polypeptide(L)'
;GSHSLRYFHTAVSRPGRGEPQYISVGYVDDVQFQRCDSIEEIPRMEPRAPWMEKERPEYWKELKLKVKNIAQSARANLRT
LLRYYNQSEGGSHILQWMVSCEVGPDMRLLGAHYQAAYDGSDYITLNEDLSSWTAVDMVSQITKSRLESAGTAEYFRAYV
EGECLELLHRFLRNGKEILQRADPPKAHVAHHPRPKGDVTLRCWALGFYPADITLTWQKDEEDLTQDMELVETRPSGDGT
FQKWAAVVVPSGEEQRYTCYVHHEGLTEPLALKWRSHHHHHH
;
A
2 'polypeptide(L)'
;IQKTPQIQVYSRHPPENGKPNILNCYVTQFHPPHIEIQMLKNGKKIPKVEMSDMSFSKDWSFYILAHTEFTPTETDTYAC
RVKHDSMAEPKTVYWDRDM
;
B
3 'polypeptide(L)' (FME)FFINVL C
#
loop_
_chem_comp.id
_chem_comp.type
_chem_comp.name
_chem_comp.formula
NAG D-saccharide, beta linking 2-acetamido-2-deoxy-beta-D-glucopyranose 'C8 H15 N O6'
#
# COMPACT_ATOMS: atom_id res chain seq x y z
N GLY A 1 -3.83 -19.18 6.62
CA GLY A 1 -2.57 -19.98 6.47
C GLY A 1 -1.37 -19.27 7.06
N SER A 2 -0.58 -18.64 6.19
CA SER A 2 0.58 -17.86 6.61
C SER A 2 0.16 -16.42 6.92
N HIS A 3 0.88 -15.79 7.84
CA HIS A 3 0.56 -14.44 8.29
C HIS A 3 1.83 -13.64 8.52
N SER A 4 1.74 -12.32 8.31
CA SER A 4 2.90 -11.44 8.40
C SER A 4 2.56 -10.17 9.17
N LEU A 5 3.51 -9.74 10.03
CA LEU A 5 3.48 -8.42 10.66
C LEU A 5 4.50 -7.54 9.94
N ARG A 6 4.05 -6.39 9.42
CA ARG A 6 4.88 -5.57 8.55
C ARG A 6 4.80 -4.10 8.97
N TYR A 7 5.97 -3.45 9.04
CA TYR A 7 6.08 -2.03 9.32
C TYR A 7 6.76 -1.33 8.16
N PHE A 8 6.24 -0.15 7.79
CA PHE A 8 6.78 0.68 6.72
C PHE A 8 7.16 2.03 7.30
N HIS A 9 8.47 2.31 7.38
CA HIS A 9 9.02 3.49 8.06
C HIS A 9 9.57 4.50 7.05
N THR A 10 9.30 5.79 7.30
CA THR A 10 9.84 6.87 6.48
C THR A 10 10.36 8.00 7.35
N ALA A 11 11.60 8.43 7.09
CA ALA A 11 12.19 9.61 7.73
C ALA A 11 12.57 10.61 6.65
N VAL A 12 12.30 11.90 6.91
CA VAL A 12 12.51 12.97 5.95
C VAL A 12 13.35 14.06 6.62
N SER A 13 14.41 14.50 5.94
CA SER A 13 15.37 15.40 6.60
C SER A 13 14.87 16.83 6.68
N ARG A 14 14.09 17.30 5.71
CA ARG A 14 13.63 18.69 5.67
C ARG A 14 12.16 18.72 5.30
N PRO A 15 11.29 18.26 6.19
CA PRO A 15 9.85 18.27 5.88
C PRO A 15 9.31 19.69 5.83
N GLY A 16 8.21 19.85 5.11
CA GLY A 16 7.49 21.10 5.12
C GLY A 16 6.76 21.28 6.44
N ARG A 17 6.32 22.51 6.68
CA ARG A 17 5.57 22.80 7.90
C ARG A 17 4.35 21.89 7.97
N GLY A 18 4.14 21.25 9.12
CA GLY A 18 3.01 20.36 9.31
C GLY A 18 3.22 18.95 8.82
N GLU A 19 4.33 18.66 8.12
CA GLU A 19 4.63 17.33 7.63
C GLU A 19 5.57 16.60 8.59
N PRO A 20 5.42 15.29 8.77
CA PRO A 20 6.23 14.60 9.78
C PRO A 20 7.68 14.39 9.36
N GLN A 21 8.56 14.53 10.34
CA GLN A 21 9.95 14.13 10.13
CA GLN A 21 9.96 14.12 10.17
C GLN A 21 10.09 12.61 10.10
N TYR A 22 9.16 11.90 10.74
CA TYR A 22 9.15 10.44 10.77
C TYR A 22 7.71 9.98 10.81
N ILE A 23 7.42 8.91 10.05
CA ILE A 23 6.11 8.28 10.07
C ILE A 23 6.29 6.79 9.78
N SER A 24 5.54 5.96 10.50
CA SER A 24 5.53 4.53 10.23
C SER A 24 4.10 4.01 10.32
N VAL A 25 3.76 3.08 9.44
CA VAL A 25 2.46 2.42 9.46
C VAL A 25 2.69 0.93 9.60
N GLY A 26 1.85 0.28 10.38
CA GLY A 26 1.97 -1.15 10.64
C GLY A 26 0.76 -1.91 10.15
N TYR A 27 1.01 -3.09 9.59
CA TYR A 27 -0.03 -3.96 9.08
C TYR A 27 0.15 -5.39 9.59
N VAL A 28 -0.97 -6.08 9.77
CA VAL A 28 -1.01 -7.53 9.77
C VAL A 28 -1.68 -7.93 8.46
N ASP A 29 -0.96 -8.68 7.63
CA ASP A 29 -1.46 -9.05 6.30
C ASP A 29 -1.89 -7.77 5.60
N ASP A 30 -3.12 -7.68 5.08
CA ASP A 30 -3.55 -6.50 4.34
C ASP A 30 -4.41 -5.55 5.18
N VAL A 31 -4.27 -5.56 6.51
CA VAL A 31 -5.06 -4.72 7.40
C VAL A 31 -4.11 -3.83 8.20
N GLN A 32 -4.28 -2.52 8.06
CA GLN A 32 -3.48 -1.58 8.86
C GLN A 32 -3.97 -1.56 10.30
N PHE A 33 -3.04 -1.53 11.26
CA PHE A 33 -3.43 -1.47 12.66
C PHE A 33 -2.96 -0.24 13.41
N GLN A 34 -1.99 0.53 12.91
CA GLN A 34 -1.64 1.77 13.58
C GLN A 34 -0.88 2.71 12.66
N ARG A 35 -0.84 3.99 13.07
CA ARG A 35 0.01 5.02 12.49
C ARG A 35 0.80 5.67 13.61
N CYS A 36 2.11 5.81 13.43
CA CYS A 36 2.96 6.57 14.33
C CYS A 36 3.66 7.66 13.53
N ASP A 37 3.86 8.82 14.14
CA ASP A 37 4.64 9.86 13.48
C ASP A 37 5.26 10.79 14.52
N SER A 38 6.17 11.64 14.04
CA SER A 38 6.79 12.68 14.84
C SER A 38 6.78 13.95 14.00
N ILE A 39 6.10 14.98 14.51
CA ILE A 39 6.01 16.27 13.83
C ILE A 39 6.54 17.32 14.79
N GLU A 40 7.63 17.97 14.43
CA GLU A 40 8.26 18.99 15.27
C GLU A 40 8.59 18.40 16.64
N GLU A 41 9.17 17.21 16.63
CA GLU A 41 9.66 16.52 17.82
C GLU A 41 8.53 16.03 18.71
N ILE A 42 7.29 16.05 18.24
CA ILE A 42 6.13 15.64 19.02
C ILE A 42 5.66 14.29 18.48
N PRO A 43 5.81 13.21 19.23
CA PRO A 43 5.34 11.90 18.74
C PRO A 43 3.85 11.70 18.96
N ARG A 44 3.21 11.04 18.00
CA ARG A 44 1.78 10.75 18.05
C ARG A 44 1.53 9.35 17.52
N MET A 45 0.50 8.70 18.07
CA MET A 45 0.12 7.36 17.67
C MET A 45 -1.40 7.29 17.55
N GLU A 46 -1.88 6.55 16.54
CA GLU A 46 -3.31 6.36 16.32
C GLU A 46 -3.60 4.90 16.01
N PRO A 47 -4.58 4.28 16.68
CA PRO A 47 -4.99 2.93 16.26
C PRO A 47 -5.84 2.99 15.00
N ARG A 48 -5.74 1.93 14.21
CA ARG A 48 -6.47 1.84 12.96
C ARG A 48 -7.30 0.57 12.80
N ALA A 49 -7.23 -0.36 13.75
CA ALA A 49 -7.96 -1.60 13.69
C ALA A 49 -8.67 -1.89 15.01
N PRO A 50 -9.79 -2.61 14.98
CA PRO A 50 -10.57 -2.80 16.22
C PRO A 50 -9.79 -3.49 17.33
N TRP A 51 -8.95 -4.48 17.01
CA TRP A 51 -8.30 -5.24 18.07
C TRP A 51 -7.28 -4.42 18.83
N MET A 52 -6.87 -3.27 18.32
CA MET A 52 -5.94 -2.41 19.05
C MET A 52 -6.60 -1.76 20.26
N GLU A 53 -7.94 -1.73 20.31
CA GLU A 53 -8.62 -1.29 21.52
C GLU A 53 -8.37 -2.23 22.68
N LYS A 54 -7.91 -3.45 22.40
CA LYS A 54 -7.62 -4.43 23.44
C LYS A 54 -6.27 -4.21 24.11
N GLU A 55 -5.38 -3.43 23.49
CA GLU A 55 -4.03 -3.26 24.01
C GLU A 55 -4.05 -2.49 25.32
N ARG A 56 -3.21 -2.92 26.26
CA ARG A 56 -3.12 -2.26 27.55
C ARG A 56 -2.37 -0.93 27.41
N PRO A 57 -2.58 -0.01 28.37
CA PRO A 57 -1.89 1.28 28.29
C PRO A 57 -0.39 1.17 28.03
N GLU A 58 0.27 0.18 28.63
CA GLU A 58 1.72 0.09 28.54
C GLU A 58 2.18 -0.10 27.11
N TYR A 59 1.36 -0.71 26.25
CA TYR A 59 1.73 -0.85 24.86
C TYR A 59 1.96 0.52 24.22
N TRP A 60 1.03 1.45 24.45
CA TRP A 60 1.12 2.77 23.84
C TRP A 60 2.25 3.58 24.46
N LYS A 61 2.47 3.45 25.77
CA LYS A 61 3.57 4.19 26.40
C LYS A 61 4.92 3.72 25.87
N GLU A 62 5.08 2.41 25.71
CA GLU A 62 6.34 1.87 25.19
C GLU A 62 6.49 2.22 23.72
N LEU A 63 5.39 2.23 22.97
CA LEU A 63 5.44 2.61 21.57
C LEU A 63 5.93 4.05 21.42
N LYS A 64 5.43 4.96 22.28
CA LYS A 64 5.82 6.36 22.18
C LYS A 64 7.32 6.54 22.41
N LEU A 65 7.89 5.79 23.35
CA LEU A 65 9.33 5.85 23.57
C LEU A 65 10.08 5.38 22.32
N LYS A 66 9.56 4.34 21.66
CA LYS A 66 10.20 3.84 20.45
C LYS A 66 10.16 4.87 19.32
N VAL A 67 9.02 5.56 19.17
CA VAL A 67 8.90 6.57 18.12
C VAL A 67 9.94 7.66 18.33
N LYS A 68 10.04 8.16 19.57
CA LYS A 68 11.03 9.19 19.89
C LYS A 68 12.44 8.72 19.55
N ASN A 69 12.80 7.52 19.99
CA ASN A 69 14.14 7.01 19.74
C ASN A 69 14.40 6.83 18.24
N ILE A 70 13.44 6.26 17.52
CA ILE A 70 13.64 5.97 16.10
C ILE A 70 13.76 7.27 15.31
N ALA A 71 12.86 8.23 15.57
CA ALA A 71 12.93 9.49 14.86
C ALA A 71 14.29 10.16 15.08
N GLN A 72 14.78 10.14 16.32
CA GLN A 72 16.07 10.75 16.62
C GLN A 72 17.20 10.04 15.87
N SER A 73 17.18 8.71 15.88
CA SER A 73 18.24 7.95 15.21
C SER A 73 18.18 8.16 13.70
N ALA A 74 16.98 8.13 13.11
CA ALA A 74 16.87 8.31 11.67
C ALA A 74 17.39 9.67 11.23
N ARG A 75 17.10 10.72 12.01
CA ARG A 75 17.61 12.04 11.67
C ARG A 75 19.12 12.05 11.65
N ALA A 76 19.75 11.43 12.65
CA ALA A 76 21.21 11.38 12.70
C ALA A 76 21.77 10.63 11.50
N ASN A 77 21.15 9.51 11.12
CA ASN A 77 21.64 8.76 9.97
C ASN A 77 21.50 9.54 8.67
N LEU A 78 20.42 10.31 8.53
CA LEU A 78 20.28 11.17 7.36
C LEU A 78 21.42 12.18 7.29
N ARG A 79 21.84 12.72 8.44
CA ARG A 79 22.97 13.64 8.47
C ARG A 79 24.23 12.97 7.94
N THR A 80 24.48 11.74 8.36
CA THR A 80 25.70 11.05 7.96
C THR A 80 25.67 10.67 6.48
N LEU A 81 24.53 10.13 6.02
CA LEU A 81 24.40 9.79 4.61
C LEU A 81 24.68 10.99 3.72
N LEU A 82 24.21 12.17 4.13
CA LEU A 82 24.47 13.39 3.38
C LEU A 82 25.96 13.61 3.19
N ARG A 83 26.75 13.35 4.24
CA ARG A 83 28.19 13.60 4.17
C ARG A 83 28.89 12.56 3.31
N TYR A 84 28.52 11.29 3.44
CA TYR A 84 29.21 10.23 2.70
C TYR A 84 29.02 10.40 1.20
N TYR A 85 27.84 10.85 0.78
CA TYR A 85 27.57 11.11 -0.63
C TYR A 85 27.96 12.52 -1.06
N ASN A 86 28.53 13.31 -0.15
CA ASN A 86 28.93 14.70 -0.43
C ASN A 86 27.77 15.50 -1.02
N GLN A 87 26.57 15.25 -0.51
CA GLN A 87 25.38 15.94 -0.96
C GLN A 87 25.16 17.21 -0.13
N SER A 88 24.68 18.26 -0.79
CA SER A 88 24.47 19.54 -0.14
C SER A 88 23.29 19.50 0.82
N GLU A 89 23.39 20.27 1.90
CA GLU A 89 22.23 20.49 2.76
C GLU A 89 21.27 21.43 2.00
N GLY A 90 20.21 21.84 2.68
CA GLY A 90 19.18 22.64 2.05
C GLY A 90 18.18 21.87 1.23
N GLY A 91 18.51 20.65 0.81
CA GLY A 91 17.57 19.77 0.16
C GLY A 91 17.09 18.71 1.12
N SER A 92 15.89 18.20 0.87
CA SER A 92 15.29 17.16 1.70
C SER A 92 15.64 15.78 1.13
N HIS A 93 16.07 14.88 2.00
CA HIS A 93 16.39 13.52 1.63
C HIS A 93 15.58 12.55 2.48
N ILE A 94 15.47 11.32 2.00
CA ILE A 94 14.51 10.37 2.56
C ILE A 94 15.19 9.04 2.85
N LEU A 95 14.93 8.52 4.04
CA LEU A 95 15.38 7.21 4.48
C LEU A 95 14.14 6.36 4.77
N GLN A 96 13.99 5.26 4.04
CA GLN A 96 12.87 4.34 4.23
C GLN A 96 13.38 2.97 4.62
N TRP A 97 12.61 2.25 5.43
CA TRP A 97 12.97 0.87 5.70
C TRP A 97 11.72 0.08 6.08
N MET A 98 11.78 -1.22 5.81
CA MET A 98 10.70 -2.16 6.08
C MET A 98 11.17 -3.20 7.08
N VAL A 99 10.32 -3.52 8.06
CA VAL A 99 10.60 -4.53 9.07
C VAL A 99 9.42 -5.49 9.11
N SER A 100 9.70 -6.79 9.14
CA SER A 100 8.61 -7.75 9.12
C SER A 100 9.05 -9.10 9.69
N CYS A 101 8.05 -9.87 10.15
CA CYS A 101 8.22 -11.28 10.48
C CYS A 101 6.99 -12.03 10.00
N GLU A 102 7.17 -13.32 9.72
CA GLU A 102 6.15 -14.16 9.11
C GLU A 102 6.07 -15.50 9.84
N VAL A 103 4.85 -15.99 10.04
CA VAL A 103 4.63 -17.31 10.62
C VAL A 103 3.82 -18.16 9.65
N GLY A 104 3.96 -19.48 9.79
CA GLY A 104 3.22 -20.42 8.99
C GLY A 104 1.94 -20.86 9.65
N PRO A 105 1.31 -21.90 9.11
CA PRO A 105 0.04 -22.37 9.69
C PRO A 105 0.16 -22.80 11.14
N ASP A 106 1.31 -23.31 11.56
CA ASP A 106 1.52 -23.73 12.93
C ASP A 106 1.88 -22.56 13.85
N MET A 107 1.73 -21.33 13.37
CA MET A 107 2.03 -20.11 14.11
C MET A 107 3.50 -20.01 14.50
N ARG A 108 4.37 -20.82 13.89
CA ARG A 108 5.79 -20.79 14.17
C ARG A 108 6.51 -19.97 13.10
N LEU A 109 7.64 -19.37 13.49
CA LEU A 109 8.35 -18.44 12.62
C LEU A 109 8.78 -19.09 11.31
N LEU A 110 8.59 -18.36 10.20
CA LEU A 110 9.00 -18.80 8.88
C LEU A 110 10.11 -17.94 8.30
N GLY A 111 10.09 -16.64 8.53
CA GLY A 111 11.11 -15.76 8.01
C GLY A 111 10.97 -14.37 8.58
N ALA A 112 11.89 -13.50 8.19
CA ALA A 112 11.88 -12.11 8.62
C ALA A 112 12.63 -11.27 7.60
N HIS A 113 12.42 -9.96 7.65
CA HIS A 113 13.03 -9.05 6.70
C HIS A 113 13.40 -7.73 7.36
N TYR A 114 14.54 -7.18 6.93
CA TYR A 114 14.93 -5.80 7.22
C TYR A 114 15.59 -5.25 5.97
N GLN A 115 15.05 -4.17 5.43
CA GLN A 115 15.56 -3.60 4.18
C GLN A 115 15.39 -2.09 4.20
N ALA A 116 16.39 -1.37 3.69
CA ALA A 116 16.41 0.08 3.75
C ALA A 116 16.73 0.67 2.38
N ALA A 117 16.26 1.91 2.17
CA ALA A 117 16.46 2.62 0.92
C ALA A 117 16.75 4.09 1.20
N TYR A 118 17.55 4.70 0.33
CA TYR A 118 17.92 6.11 0.44
C TYR A 118 17.45 6.83 -0.82
N ASP A 119 16.63 7.86 -0.63
CA ASP A 119 16.07 8.64 -1.74
C ASP A 119 15.41 7.73 -2.77
N GLY A 120 14.69 6.73 -2.28
CA GLY A 120 13.85 5.91 -3.14
C GLY A 120 14.56 4.78 -3.85
N SER A 121 15.83 4.55 -3.58
CA SER A 121 16.60 3.49 -4.23
C SER A 121 17.15 2.54 -3.16
N ASP A 122 17.16 1.24 -3.49
CA ASP A 122 17.74 0.24 -2.62
C ASP A 122 19.08 0.72 -2.06
N TYR A 123 19.24 0.60 -0.75
CA TYR A 123 20.51 0.88 -0.09
C TYR A 123 21.15 -0.37 0.49
N ILE A 124 20.42 -1.11 1.32
CA ILE A 124 20.96 -2.32 1.92
C ILE A 124 19.80 -3.25 2.27
N THR A 125 20.05 -4.56 2.15
CA THR A 125 19.04 -5.58 2.40
C THR A 125 19.63 -6.70 3.25
N LEU A 126 18.91 -7.09 4.29
CA LEU A 126 19.28 -8.26 5.08
C LEU A 126 18.87 -9.52 4.34
N ASN A 127 19.82 -10.45 4.16
CA ASN A 127 19.57 -11.64 3.37
C ASN A 127 18.73 -12.65 4.15
N GLU A 128 18.25 -13.67 3.42
CA GLU A 128 17.38 -14.67 4.01
C GLU A 128 18.05 -15.39 5.18
N ASP A 129 19.38 -15.53 5.14
CA ASP A 129 20.09 -16.17 6.23
C ASP A 129 20.07 -15.35 7.51
N LEU A 130 19.58 -14.12 7.46
CA LEU A 130 19.47 -13.25 8.63
C LEU A 130 20.83 -13.02 9.30
N SER A 131 21.90 -12.94 8.50
CA SER A 131 23.22 -12.65 9.04
C SER A 131 24.12 -11.88 8.08
N SER A 132 23.88 -12.00 6.77
CA SER A 132 24.66 -11.28 5.77
C SER A 132 23.77 -10.26 5.05
N TRP A 133 24.43 -9.25 4.46
CA TRP A 133 23.73 -8.12 3.88
C TRP A 133 24.09 -7.94 2.41
N THR A 134 23.12 -7.47 1.63
CA THR A 134 23.30 -7.16 0.21
C THR A 134 23.42 -5.65 0.04
N ALA A 135 24.54 -5.19 -0.50
CA ALA A 135 24.78 -3.78 -0.75
C ALA A 135 24.65 -3.47 -2.24
N VAL A 136 24.65 -2.18 -2.57
CA VAL A 136 24.44 -1.75 -3.94
C VAL A 136 25.53 -0.84 -4.48
N ASP A 137 26.34 -0.21 -3.63
CA ASP A 137 27.36 0.71 -4.10
C ASP A 137 28.46 0.81 -3.04
N MET A 138 29.39 1.77 -3.25
CA MET A 138 30.56 1.86 -2.39
C MET A 138 30.18 2.30 -0.98
N VAL A 139 29.19 3.19 -0.84
CA VAL A 139 28.81 3.66 0.48
C VAL A 139 28.07 2.57 1.25
N SER A 140 27.08 1.95 0.62
CA SER A 140 26.40 0.84 1.28
C SER A 140 27.33 -0.34 1.50
N GLN A 141 28.43 -0.44 0.75
CA GLN A 141 29.45 -1.44 1.03
C GLN A 141 30.13 -1.15 2.37
N ILE A 142 30.34 0.13 2.69
CA ILE A 142 30.85 0.49 4.01
C ILE A 142 29.88 0.03 5.09
N THR A 143 28.58 0.25 4.86
CA THR A 143 27.57 -0.20 5.82
C THR A 143 27.62 -1.71 6.00
N LYS A 144 27.70 -2.45 4.90
CA LYS A 144 27.76 -3.91 4.97
C LYS A 144 28.94 -4.36 5.83
N SER A 145 30.12 -3.78 5.60
CA SER A 145 31.29 -4.18 6.36
C SER A 145 31.12 -3.88 7.84
N ARG A 146 30.51 -2.74 8.17
CA ARG A 146 30.32 -2.37 9.57
C ARG A 146 29.32 -3.29 10.25
N LEU A 147 28.17 -3.53 9.62
CA LEU A 147 27.16 -4.40 10.22
C LEU A 147 27.68 -5.82 10.38
N GLU A 148 28.43 -6.32 9.40
CA GLU A 148 28.88 -7.71 9.44
C GLU A 148 30.03 -7.91 10.43
N SER A 149 30.96 -6.95 10.51
CA SER A 149 32.02 -7.05 11.50
C SER A 149 31.50 -6.79 12.91
N ALA A 150 30.38 -6.09 13.04
CA ALA A 150 29.75 -5.85 14.33
C ALA A 150 28.75 -6.92 14.72
N GLY A 151 28.27 -7.72 13.76
CA GLY A 151 27.27 -8.71 14.06
C GLY A 151 25.91 -8.13 14.41
N THR A 152 25.60 -6.95 13.87
CA THR A 152 24.38 -6.25 14.27
C THR A 152 23.13 -7.04 13.94
N ALA A 153 23.18 -7.90 12.92
CA ALA A 153 22.02 -8.72 12.57
C ALA A 153 21.55 -9.57 13.75
N GLU A 154 22.43 -9.88 14.69
CA GLU A 154 22.01 -10.68 15.85
C GLU A 154 20.99 -9.93 16.69
N TYR A 155 21.06 -8.60 16.71
CA TYR A 155 20.08 -7.82 17.46
C TYR A 155 18.73 -7.83 16.76
N PHE A 156 18.71 -7.88 15.43
CA PHE A 156 17.44 -8.00 14.73
C PHE A 156 16.80 -9.36 14.97
N ARG A 157 17.60 -10.43 14.97
CA ARG A 157 17.06 -11.74 15.31
C ARG A 157 16.38 -11.71 16.67
N ALA A 158 16.99 -11.03 17.65
CA ALA A 158 16.40 -10.95 18.97
C ALA A 158 15.08 -10.18 18.95
N TYR A 159 15.01 -9.13 18.14
CA TYR A 159 13.73 -8.43 17.98
C TYR A 159 12.68 -9.35 17.38
N VAL A 160 13.05 -10.13 16.36
CA VAL A 160 12.10 -11.00 15.69
C VAL A 160 11.56 -12.05 16.65
N GLU A 161 12.47 -12.78 17.30
CA GLU A 161 12.06 -13.85 18.20
C GLU A 161 11.27 -13.34 19.40
N GLY A 162 11.37 -12.04 19.70
CA GLY A 162 10.75 -11.44 20.86
C GLY A 162 9.53 -10.63 20.45
N GLU A 163 9.71 -9.31 20.29
CA GLU A 163 8.55 -8.43 20.15
C GLU A 163 7.74 -8.73 18.89
N CYS A 164 8.41 -8.98 17.76
CA CYS A 164 7.68 -9.15 16.51
C CYS A 164 6.71 -10.31 16.59
N LEU A 165 7.18 -11.47 17.05
CA LEU A 165 6.29 -12.62 17.17
C LEU A 165 5.25 -12.41 18.27
N GLU A 166 5.64 -11.75 19.36
CA GLU A 166 4.70 -11.45 20.42
C GLU A 166 3.47 -10.73 19.89
N LEU A 167 3.70 -9.62 19.18
CA LEU A 167 2.57 -8.83 18.67
C LEU A 167 1.81 -9.58 17.59
N LEU A 168 2.52 -10.24 16.68
CA LEU A 168 1.84 -10.96 15.61
C LEU A 168 0.91 -12.03 16.17
N HIS A 169 1.40 -12.82 17.13
CA HIS A 169 0.55 -13.81 17.78
C HIS A 169 -0.63 -13.14 18.46
N ARG A 170 -0.38 -12.06 19.20
CA ARG A 170 -1.45 -11.41 19.96
C ARG A 170 -2.48 -10.77 19.05
N PHE A 171 -2.03 -10.13 17.96
CA PHE A 171 -2.98 -9.50 17.04
C PHE A 171 -3.82 -10.55 16.31
N LEU A 172 -3.22 -11.69 15.96
CA LEU A 172 -3.97 -12.72 15.26
C LEU A 172 -5.03 -13.33 16.18
N ARG A 173 -4.73 -13.43 17.48
CA ARG A 173 -5.72 -13.93 18.43
C ARG A 173 -6.84 -12.91 18.62
N ASN A 174 -6.48 -11.68 18.99
CA ASN A 174 -7.49 -10.67 19.31
C ASN A 174 -8.30 -10.25 18.08
N GLY A 175 -7.71 -10.33 16.89
CA GLY A 175 -8.39 -9.94 15.68
C GLY A 175 -8.69 -11.11 14.77
N LYS A 176 -8.90 -12.28 15.37
CA LYS A 176 -9.07 -13.51 14.60
C LYS A 176 -10.19 -13.38 13.58
N GLU A 177 -11.30 -12.73 13.97
CA GLU A 177 -12.45 -12.67 13.09
C GLU A 177 -12.16 -11.85 11.83
N ILE A 178 -11.23 -10.91 11.92
CA ILE A 178 -10.89 -10.06 10.79
C ILE A 178 -9.74 -10.64 9.98
N LEU A 179 -8.72 -11.17 10.66
CA LEU A 179 -7.48 -11.56 10.02
C LEU A 179 -7.48 -13.01 9.53
N GLN A 180 -8.15 -13.90 10.25
CA GLN A 180 -8.17 -15.32 9.88
C GLN A 180 -9.44 -15.63 9.10
N ARG A 181 -9.60 -14.90 7.99
CA ARG A 181 -10.75 -15.01 7.11
C ARG A 181 -10.29 -14.84 5.66
N ALA A 182 -11.14 -15.29 4.75
CA ALA A 182 -11.01 -14.94 3.34
C ALA A 182 -12.41 -14.72 2.78
N ASP A 183 -12.65 -13.53 2.24
CA ASP A 183 -13.90 -13.22 1.57
C ASP A 183 -13.72 -13.45 0.08
N PRO A 184 -14.42 -14.39 -0.54
CA PRO A 184 -14.21 -14.63 -1.96
C PRO A 184 -14.81 -13.52 -2.79
N PRO A 185 -14.34 -13.33 -4.02
CA PRO A 185 -14.86 -12.24 -4.86
C PRO A 185 -16.28 -12.48 -5.33
N LYS A 186 -17.02 -11.38 -5.46
CA LYS A 186 -18.28 -11.35 -6.19
C LYS A 186 -17.98 -10.78 -7.57
N ALA A 187 -18.18 -11.60 -8.60
CA ALA A 187 -17.72 -11.27 -9.94
C ALA A 187 -18.86 -11.21 -10.94
N HIS A 188 -18.69 -10.37 -11.96
CA HIS A 188 -19.65 -10.25 -13.05
C HIS A 188 -18.95 -9.65 -14.25
N VAL A 189 -19.54 -9.84 -15.42
CA VAL A 189 -19.02 -9.30 -16.68
C VAL A 189 -19.95 -8.20 -17.16
N ALA A 190 -19.39 -7.01 -17.40
CA ALA A 190 -20.12 -5.89 -17.97
C ALA A 190 -19.86 -5.79 -19.46
N HIS A 191 -20.84 -5.25 -20.19
CA HIS A 191 -20.88 -5.24 -21.64
C HIS A 191 -20.98 -3.80 -22.12
N HIS A 192 -20.02 -3.36 -22.93
CA HIS A 192 -19.95 -1.97 -23.37
C HIS A 192 -19.71 -1.89 -24.87
N PRO A 193 -20.77 -1.72 -25.67
CA PRO A 193 -20.59 -1.56 -27.12
C PRO A 193 -19.77 -0.33 -27.45
N ARG A 194 -18.99 -0.44 -28.53
CA ARG A 194 -18.15 0.66 -28.99
C ARG A 194 -18.63 1.16 -30.35
N PRO A 195 -18.35 2.42 -30.69
CA PRO A 195 -18.79 2.93 -31.99
C PRO A 195 -18.29 2.12 -33.17
N LYS A 196 -17.06 1.60 -33.08
CA LYS A 196 -16.49 0.80 -34.15
C LYS A 196 -17.38 -0.40 -34.50
N GLY A 197 -18.21 -0.85 -33.56
CA GLY A 197 -19.03 -2.02 -33.73
C GLY A 197 -18.60 -3.18 -32.87
N ASP A 198 -17.37 -3.14 -32.36
CA ASP A 198 -16.88 -4.18 -31.46
C ASP A 198 -17.38 -3.89 -30.04
N VAL A 199 -16.88 -4.64 -29.06
CA VAL A 199 -17.46 -4.66 -27.72
C VAL A 199 -16.36 -4.80 -26.69
N THR A 200 -16.42 -3.99 -25.64
CA THR A 200 -15.57 -4.19 -24.45
C THR A 200 -16.30 -5.10 -23.48
N LEU A 201 -15.67 -6.20 -23.10
CA LEU A 201 -16.11 -7.03 -21.99
C LEU A 201 -15.20 -6.75 -20.81
N ARG A 202 -15.78 -6.28 -19.71
CA ARG A 202 -15.03 -5.90 -18.51
C ARG A 202 -15.43 -6.86 -17.39
N CYS A 203 -14.50 -7.71 -16.98
CA CYS A 203 -14.70 -8.65 -15.89
C CYS A 203 -14.36 -7.99 -14.57
N TRP A 204 -15.34 -7.88 -13.69
CA TRP A 204 -15.22 -7.23 -12.38
C TRP A 204 -15.10 -8.26 -11.28
N ALA A 205 -14.28 -7.95 -10.28
CA ALA A 205 -14.25 -8.69 -9.03
C ALA A 205 -14.32 -7.69 -7.89
N LEU A 206 -15.26 -7.90 -6.97
CA LEU A 206 -15.54 -6.95 -5.90
C LEU A 206 -15.62 -7.67 -4.56
N GLY A 207 -15.33 -6.92 -3.49
CA GLY A 207 -15.63 -7.39 -2.16
C GLY A 207 -14.76 -8.50 -1.61
N PHE A 208 -13.54 -8.66 -2.12
CA PHE A 208 -12.70 -9.76 -1.69
C PHE A 208 -11.62 -9.31 -0.71
N TYR A 209 -11.15 -10.29 0.08
CA TYR A 209 -10.06 -10.12 1.02
C TYR A 209 -9.42 -11.49 1.19
N PRO A 210 -8.08 -11.59 1.19
CA PRO A 210 -7.07 -10.54 1.03
C PRO A 210 -6.99 -9.96 -0.38
N ALA A 211 -6.02 -9.07 -0.61
CA ALA A 211 -5.98 -8.32 -1.88
C ALA A 211 -5.48 -9.15 -3.05
N ASP A 212 -4.68 -10.18 -2.78
CA ASP A 212 -4.09 -10.96 -3.86
C ASP A 212 -5.18 -11.63 -4.69
N ILE A 213 -5.17 -11.37 -6.00
CA ILE A 213 -6.16 -11.95 -6.90
C ILE A 213 -5.59 -11.98 -8.31
N THR A 214 -6.08 -12.90 -9.12
CA THR A 214 -5.74 -12.96 -10.54
C THR A 214 -7.01 -12.99 -11.36
N LEU A 215 -7.12 -12.07 -12.32
CA LEU A 215 -8.18 -12.05 -13.32
C LEU A 215 -7.54 -12.31 -14.68
N THR A 216 -8.12 -13.23 -15.44
CA THR A 216 -7.60 -13.48 -16.77
C THR A 216 -8.73 -13.88 -17.71
N TRP A 217 -8.51 -13.62 -19.00
CA TRP A 217 -9.48 -13.91 -20.04
C TRP A 217 -8.93 -15.01 -20.95
N GLN A 218 -9.82 -15.88 -21.42
CA GLN A 218 -9.48 -16.86 -22.44
C GLN A 218 -10.51 -16.79 -23.57
N LYS A 219 -10.06 -17.05 -24.78
CA LYS A 219 -10.94 -17.31 -25.91
C LYS A 219 -10.78 -18.78 -26.28
N ASP A 220 -11.89 -19.52 -26.26
CA ASP A 220 -11.82 -20.97 -26.40
C ASP A 220 -10.87 -21.52 -25.35
N GLU A 221 -9.62 -21.81 -25.72
CA GLU A 221 -8.62 -22.29 -24.79
C GLU A 221 -7.41 -21.38 -24.64
N GLU A 222 -7.15 -20.49 -25.60
CA GLU A 222 -5.96 -19.66 -25.53
C GLU A 222 -6.11 -18.57 -24.48
N ASP A 223 -5.01 -18.26 -23.79
CA ASP A 223 -4.97 -17.16 -22.84
C ASP A 223 -4.73 -15.85 -23.58
N LEU A 224 -5.39 -14.78 -23.13
CA LEU A 224 -5.38 -13.49 -23.82
C LEU A 224 -4.63 -12.42 -23.04
N THR A 225 -3.55 -12.80 -22.36
CA THR A 225 -2.83 -11.86 -21.50
C THR A 225 -2.39 -10.61 -22.27
N GLN A 226 -1.91 -10.79 -23.51
CA GLN A 226 -1.40 -9.66 -24.28
C GLN A 226 -2.51 -8.76 -24.78
N ASP A 227 -3.76 -9.24 -24.77
CA ASP A 227 -4.90 -8.47 -25.25
C ASP A 227 -5.66 -7.77 -24.13
N MET A 228 -5.29 -8.00 -22.87
CA MET A 228 -6.08 -7.49 -21.76
C MET A 228 -5.70 -6.05 -21.42
N GLU A 229 -6.70 -5.33 -20.91
CA GLU A 229 -6.51 -4.06 -20.22
C GLU A 229 -6.87 -4.29 -18.75
N LEU A 230 -5.92 -4.04 -17.85
CA LEU A 230 -6.08 -4.29 -16.44
C LEU A 230 -5.97 -2.99 -15.65
N VAL A 231 -6.54 -2.98 -14.45
CA VAL A 231 -6.23 -1.97 -13.46
C VAL A 231 -5.56 -2.64 -12.27
N GLU A 232 -4.68 -1.89 -11.61
CA GLU A 232 -4.08 -2.35 -10.37
C GLU A 232 -5.16 -2.61 -9.33
N THR A 233 -5.03 -3.71 -8.59
CA THR A 233 -5.94 -3.98 -7.48
C THR A 233 -6.00 -2.77 -6.56
N ARG A 234 -7.20 -2.41 -6.13
CA ARG A 234 -7.40 -1.14 -5.45
C ARG A 234 -8.34 -1.30 -4.27
N PRO A 235 -8.15 -0.51 -3.22
CA PRO A 235 -8.99 -0.65 -2.01
C PRO A 235 -10.35 -0.02 -2.22
N SER A 236 -11.40 -0.74 -1.83
CA SER A 236 -12.73 -0.17 -1.85
C SER A 236 -12.97 0.77 -0.67
N GLY A 237 -12.16 0.66 0.38
CA GLY A 237 -12.23 1.54 1.52
C GLY A 237 -12.92 0.97 2.74
N ASP A 238 -13.54 -0.20 2.61
CA ASP A 238 -14.27 -0.83 3.70
C ASP A 238 -13.56 -2.08 4.21
N GLY A 239 -12.30 -2.29 3.83
CA GLY A 239 -11.55 -3.47 4.17
C GLY A 239 -11.44 -4.48 3.06
N THR A 240 -12.22 -4.33 2.00
CA THR A 240 -12.17 -5.23 0.85
C THR A 240 -11.55 -4.53 -0.34
N PHE A 241 -11.31 -5.30 -1.39
CA PHE A 241 -10.60 -4.82 -2.57
C PHE A 241 -11.40 -5.14 -3.82
N GLN A 242 -11.05 -4.45 -4.92
CA GLN A 242 -11.71 -4.62 -6.19
C GLN A 242 -10.71 -4.55 -7.33
N LYS A 243 -11.10 -5.08 -8.48
CA LYS A 243 -10.24 -5.13 -9.66
C LYS A 243 -11.11 -5.42 -10.87
N TRP A 244 -10.67 -4.97 -12.05
CA TRP A 244 -11.29 -5.43 -13.29
C TRP A 244 -10.24 -5.66 -14.37
N ALA A 245 -10.62 -6.49 -15.34
CA ALA A 245 -9.81 -6.83 -16.48
C ALA A 245 -10.71 -6.87 -17.71
N ALA A 246 -10.28 -6.27 -18.81
CA ALA A 246 -11.14 -6.09 -19.97
C ALA A 246 -10.47 -6.52 -21.26
N VAL A 247 -11.28 -7.02 -22.20
CA VAL A 247 -10.86 -7.34 -23.55
C VAL A 247 -11.86 -6.75 -24.53
N VAL A 248 -11.39 -6.48 -25.75
CA VAL A 248 -12.22 -5.98 -26.82
C VAL A 248 -12.46 -7.12 -27.81
N VAL A 249 -13.72 -7.41 -28.09
CA VAL A 249 -14.08 -8.58 -28.89
C VAL A 249 -15.04 -8.16 -29.99
N PRO A 250 -15.15 -8.97 -31.05
CA PRO A 250 -16.13 -8.68 -32.09
C PRO A 250 -17.56 -8.88 -31.60
N SER A 251 -18.46 -8.07 -32.14
CA SER A 251 -19.88 -8.22 -31.82
C SER A 251 -20.39 -9.57 -32.31
N GLY A 252 -21.20 -10.22 -31.47
CA GLY A 252 -21.76 -11.51 -31.79
C GLY A 252 -20.89 -12.70 -31.42
N GLU A 253 -19.67 -12.46 -30.94
CA GLU A 253 -18.77 -13.52 -30.50
C GLU A 253 -18.48 -13.45 -29.01
N GLU A 254 -19.31 -12.73 -28.25
CA GLU A 254 -19.04 -12.53 -26.83
C GLU A 254 -19.02 -13.85 -26.07
N GLN A 255 -19.83 -14.83 -26.49
CA GLN A 255 -19.90 -16.09 -25.75
C GLN A 255 -18.67 -16.96 -25.96
N ARG A 256 -17.76 -16.57 -26.85
CA ARG A 256 -16.50 -17.29 -27.03
C ARG A 256 -15.50 -17.01 -25.92
N TYR A 257 -15.74 -16.01 -25.08
CA TYR A 257 -14.75 -15.52 -24.13
C TYR A 257 -15.17 -15.84 -22.70
N THR A 258 -14.21 -16.28 -21.90
CA THR A 258 -14.44 -16.67 -20.51
C THR A 258 -13.45 -15.93 -19.62
N CYS A 259 -13.96 -15.37 -18.54
CA CYS A 259 -13.14 -14.74 -17.50
C CYS A 259 -12.94 -15.73 -16.35
N TYR A 260 -11.71 -15.81 -15.86
CA TYR A 260 -11.38 -16.67 -14.73
C TYR A 260 -10.87 -15.82 -13.58
N VAL A 261 -11.37 -16.12 -12.38
CA VAL A 261 -11.02 -15.38 -11.17
C VAL A 261 -10.37 -16.35 -10.19
N HIS A 262 -9.14 -16.06 -9.79
CA HIS A 262 -8.38 -16.88 -8.86
C HIS A 262 -8.23 -16.12 -7.55
N HIS A 263 -8.63 -16.73 -6.44
CA HIS A 263 -8.55 -16.09 -5.13
C HIS A 263 -8.53 -17.17 -4.05
N GLU A 264 -7.83 -16.89 -2.95
CA GLU A 264 -7.67 -17.92 -1.93
C GLU A 264 -8.98 -18.24 -1.20
N GLY A 265 -10.00 -17.39 -1.32
CA GLY A 265 -11.32 -17.71 -0.81
C GLY A 265 -12.09 -18.71 -1.63
N LEU A 266 -11.55 -19.10 -2.79
CA LEU A 266 -12.13 -20.10 -3.66
C LEU A 266 -11.25 -21.35 -3.66
N THR A 267 -11.88 -22.52 -3.81
CA THR A 267 -11.12 -23.77 -3.92
C THR A 267 -10.71 -24.06 -5.35
N GLU A 268 -11.41 -23.47 -6.32
CA GLU A 268 -11.12 -23.56 -7.73
C GLU A 268 -11.44 -22.21 -8.34
N PRO A 269 -10.82 -21.86 -9.46
CA PRO A 269 -11.10 -20.55 -10.05
C PRO A 269 -12.57 -20.44 -10.44
N LEU A 270 -13.11 -19.24 -10.27
CA LEU A 270 -14.45 -18.92 -10.74
C LEU A 270 -14.41 -18.60 -12.22
N ALA A 271 -15.31 -19.21 -13.00
CA ALA A 271 -15.41 -18.99 -14.43
C ALA A 271 -16.73 -18.31 -14.75
N LEU A 272 -16.70 -17.30 -15.61
CA LEU A 272 -17.95 -16.64 -15.97
C LEU A 272 -17.85 -16.02 -17.36
N LYS A 273 -19.03 -15.80 -17.95
CA LYS A 273 -19.19 -15.18 -19.26
C LYS A 273 -20.22 -14.06 -19.14
N TRP A 274 -20.30 -13.23 -20.18
CA TRP A 274 -21.33 -12.21 -20.22
C TRP A 274 -22.71 -12.86 -20.26
N ARG A 275 -23.62 -12.34 -19.45
CA ARG A 275 -24.98 -12.86 -19.38
C ARG A 275 -25.98 -11.76 -19.75
N LYS B 3 9.38 9.91 -10.20
CA LYS B 3 8.23 9.05 -9.96
C LYS B 3 6.94 9.86 -9.86
N THR B 4 6.25 10.02 -11.00
CA THR B 4 5.02 10.77 -11.04
C THR B 4 3.85 9.91 -10.55
N PRO B 5 2.85 10.53 -9.91
CA PRO B 5 1.74 9.74 -9.36
C PRO B 5 0.85 9.15 -10.44
N GLN B 6 0.36 7.94 -10.17
CA GLN B 6 -0.73 7.33 -10.92
C GLN B 6 -2.03 7.50 -10.12
N ILE B 7 -3.14 7.64 -10.83
CA ILE B 7 -4.41 8.01 -10.22
C ILE B 7 -5.51 7.09 -10.73
N GLN B 8 -6.28 6.51 -9.81
CA GLN B 8 -7.53 5.83 -10.13
C GLN B 8 -8.67 6.50 -9.37
N VAL B 9 -9.78 6.75 -10.07
CA VAL B 9 -10.98 7.35 -9.48
C VAL B 9 -12.13 6.38 -9.70
N TYR B 10 -12.79 5.98 -8.62
CA TYR B 10 -13.78 4.90 -8.69
C TYR B 10 -14.64 4.92 -7.44
N SER B 11 -15.81 4.29 -7.54
CA SER B 11 -16.73 4.20 -6.43
C SER B 11 -16.51 2.91 -5.64
N ARG B 12 -16.80 2.98 -4.33
CA ARG B 12 -16.70 1.79 -3.49
C ARG B 12 -17.60 0.68 -4.01
N HIS B 13 -18.87 1.00 -4.21
CA HIS B 13 -19.87 0.05 -4.68
C HIS B 13 -20.26 0.35 -6.13
N PRO B 14 -20.78 -0.62 -6.85
CA PRO B 14 -21.34 -0.33 -8.19
C PRO B 14 -22.31 0.83 -8.12
N PRO B 15 -22.15 1.83 -8.98
CA PRO B 15 -22.93 3.06 -8.84
C PRO B 15 -24.37 2.92 -9.29
N GLU B 16 -25.24 3.64 -8.58
CA GLU B 16 -26.68 3.63 -8.84
C GLU B 16 -27.21 5.02 -8.51
N ASN B 17 -27.82 5.68 -9.50
CA ASN B 17 -28.26 7.06 -9.32
C ASN B 17 -29.24 7.18 -8.17
N GLY B 18 -29.04 8.20 -7.34
CA GLY B 18 -29.86 8.42 -6.16
C GLY B 18 -29.53 7.52 -4.98
N LYS B 19 -28.53 6.66 -5.11
CA LYS B 19 -28.15 5.74 -4.04
C LYS B 19 -26.82 6.19 -3.44
N PRO B 20 -26.76 6.46 -2.13
CA PRO B 20 -25.50 6.91 -1.55
C PRO B 20 -24.37 5.93 -1.78
N ASN B 21 -23.14 6.45 -1.78
CA ASN B 21 -21.96 5.69 -2.16
C ASN B 21 -20.73 6.41 -1.60
N ILE B 22 -19.54 5.88 -1.93
CA ILE B 22 -18.27 6.51 -1.58
C ILE B 22 -17.45 6.65 -2.85
N LEU B 23 -16.82 7.80 -3.04
CA LEU B 23 -15.94 8.04 -4.17
C LEU B 23 -14.48 8.00 -3.71
N ASN B 24 -13.69 7.17 -4.36
CA ASN B 24 -12.29 6.96 -4.01
C ASN B 24 -11.36 7.60 -5.03
N CYS B 25 -10.27 8.19 -4.55
CA CYS B 25 -9.16 8.64 -5.39
C CYS B 25 -7.90 7.98 -4.85
N TYR B 26 -7.42 6.95 -5.56
CA TYR B 26 -6.29 6.12 -5.16
C TYR B 26 -5.07 6.60 -5.93
N VAL B 27 -4.11 7.19 -5.20
CA VAL B 27 -2.93 7.82 -5.80
C VAL B 27 -1.72 7.00 -5.40
N THR B 28 -0.95 6.55 -6.41
CA THR B 28 0.11 5.57 -6.17
C THR B 28 1.35 5.91 -6.98
N GLN B 29 2.44 5.22 -6.64
CA GLN B 29 3.66 5.19 -7.45
C GLN B 29 4.40 6.53 -7.47
N PHE B 30 4.30 7.34 -6.43
CA PHE B 30 4.97 8.63 -6.41
C PHE B 30 6.07 8.68 -5.35
N HIS B 31 6.99 9.62 -5.55
CA HIS B 31 8.17 9.79 -4.71
C HIS B 31 8.79 11.14 -5.07
N PRO B 32 9.07 12.02 -4.09
CA PRO B 32 8.96 11.96 -2.62
C PRO B 32 7.51 11.98 -2.12
N PRO B 33 7.32 11.90 -0.79
CA PRO B 33 5.95 11.76 -0.27
C PRO B 33 5.11 13.02 -0.32
N HIS B 34 5.70 14.21 -0.31
CA HIS B 34 4.91 15.43 -0.35
C HIS B 34 3.98 15.42 -1.56
N ILE B 35 2.69 15.67 -1.33
CA ILE B 35 1.72 15.66 -2.41
C ILE B 35 0.50 16.46 -1.97
N GLU B 36 -0.23 17.01 -2.95
CA GLU B 36 -1.51 17.65 -2.73
C GLU B 36 -2.57 16.94 -3.56
N ILE B 37 -3.72 16.66 -2.94
CA ILE B 37 -4.80 15.93 -3.59
C ILE B 37 -6.10 16.66 -3.32
N GLN B 38 -6.84 16.98 -4.38
CA GLN B 38 -8.11 17.69 -4.26
C GLN B 38 -9.16 16.95 -5.07
N MET B 39 -10.29 16.65 -4.44
CA MET B 39 -11.42 16.02 -5.12
C MET B 39 -12.41 17.10 -5.54
N LEU B 40 -13.03 16.92 -6.70
CA LEU B 40 -13.83 17.95 -7.33
C LEU B 40 -15.22 17.43 -7.67
N LYS B 41 -16.21 18.30 -7.53
CA LYS B 41 -17.58 18.03 -7.96
C LYS B 41 -18.02 19.17 -8.88
N ASN B 42 -18.31 18.83 -10.14
CA ASN B 42 -18.66 19.84 -11.14
C ASN B 42 -17.57 20.90 -11.25
N GLY B 43 -16.31 20.47 -11.08
CA GLY B 43 -15.16 21.33 -11.24
C GLY B 43 -14.77 22.11 -10.01
N LYS B 44 -15.51 22.01 -8.92
CA LYS B 44 -15.26 22.80 -7.72
C LYS B 44 -14.81 21.92 -6.57
N LYS B 45 -13.99 22.50 -5.71
CA LYS B 45 -13.40 21.77 -4.58
C LYS B 45 -14.48 21.18 -3.69
N ILE B 46 -14.32 19.92 -3.34
CA ILE B 46 -15.12 19.28 -2.29
C ILE B 46 -14.37 19.47 -0.97
N PRO B 47 -14.93 20.16 0.01
CA PRO B 47 -14.19 20.39 1.26
C PRO B 47 -14.23 19.21 2.22
N LYS B 48 -15.16 18.27 2.04
CA LYS B 48 -15.34 17.17 2.99
C LYS B 48 -14.67 15.91 2.46
N VAL B 49 -13.33 15.91 2.48
CA VAL B 49 -12.54 14.80 1.96
C VAL B 49 -11.68 14.23 3.08
N GLU B 50 -11.77 12.91 3.26
CA GLU B 50 -10.92 12.17 4.19
C GLU B 50 -9.76 11.54 3.42
N MET B 51 -8.65 11.32 4.13
CA MET B 51 -7.48 10.72 3.52
C MET B 51 -6.91 9.65 4.44
N SER B 52 -6.61 8.49 3.86
CA SER B 52 -5.91 7.45 4.58
C SER B 52 -4.50 7.92 4.93
N ASP B 53 -3.86 7.19 5.85
CA ASP B 53 -2.43 7.37 6.06
C ASP B 53 -1.69 7.04 4.77
N MET B 54 -0.57 7.71 4.56
CA MET B 54 0.32 7.37 3.45
C MET B 54 1.17 6.17 3.84
N SER B 55 1.35 5.25 2.89
CA SER B 55 2.23 4.11 3.07
C SER B 55 3.12 4.00 1.83
N PHE B 56 3.91 2.93 1.73
CA PHE B 56 4.68 2.71 0.51
C PHE B 56 4.76 1.21 0.23
N SER B 57 5.02 0.90 -1.04
CA SER B 57 5.07 -0.47 -1.51
C SER B 57 6.51 -0.95 -1.54
N LYS B 58 6.71 -2.21 -1.95
CA LYS B 58 8.04 -2.79 -1.91
C LYS B 58 9.01 -2.14 -2.89
N ASP B 59 8.53 -1.35 -3.86
CA ASP B 59 9.42 -0.59 -4.72
C ASP B 59 9.72 0.80 -4.16
N TRP B 60 9.30 1.07 -2.92
CA TRP B 60 9.56 2.29 -2.15
C TRP B 60 8.68 3.46 -2.58
N SER B 61 7.87 3.33 -3.62
CA SER B 61 6.97 4.41 -4.00
C SER B 61 5.77 4.46 -3.05
N PHE B 62 5.25 5.66 -2.85
CA PHE B 62 4.20 5.91 -1.86
C PHE B 62 2.81 5.74 -2.46
N TYR B 63 1.83 5.54 -1.58
CA TYR B 63 0.45 5.45 -2.01
C TYR B 63 -0.46 5.94 -0.90
N ILE B 64 -1.66 6.37 -1.29
CA ILE B 64 -2.60 7.00 -0.36
C ILE B 64 -3.98 6.97 -0.99
N LEU B 65 -5.01 6.95 -0.16
CA LEU B 65 -6.39 6.91 -0.61
C LEU B 65 -7.14 8.13 -0.06
N ALA B 66 -7.65 8.95 -0.97
CA ALA B 66 -8.58 10.02 -0.63
C ALA B 66 -9.98 9.55 -0.94
N HIS B 67 -10.96 9.97 -0.12
CA HIS B 67 -12.33 9.54 -0.36
C HIS B 67 -13.32 10.54 0.24
N THR B 68 -14.54 10.51 -0.30
CA THR B 68 -15.60 11.40 0.11
C THR B 68 -16.95 10.73 -0.13
N GLU B 69 -17.93 11.10 0.69
CA GLU B 69 -19.29 10.58 0.55
C GLU B 69 -20.01 11.29 -0.59
N PHE B 70 -20.71 10.52 -1.43
CA PHE B 70 -21.44 11.14 -2.52
C PHE B 70 -22.59 10.25 -2.97
N THR B 71 -23.61 10.88 -3.56
CA THR B 71 -24.72 10.17 -4.20
C THR B 71 -24.67 10.47 -5.69
N PRO B 72 -24.37 9.48 -6.54
CA PRO B 72 -24.26 9.77 -7.98
C PRO B 72 -25.58 10.19 -8.59
N THR B 73 -25.49 10.96 -9.69
CA THR B 73 -26.65 11.36 -10.46
C THR B 73 -26.31 11.36 -11.94
N GLU B 74 -27.31 11.65 -12.76
CA GLU B 74 -27.13 11.73 -14.21
C GLU B 74 -26.35 12.97 -14.65
N THR B 75 -26.29 14.00 -13.80
CA THR B 75 -25.82 15.31 -14.22
C THR B 75 -24.55 15.77 -13.53
N ASP B 76 -24.21 15.25 -12.35
CA ASP B 76 -23.03 15.70 -11.63
C ASP B 76 -21.79 14.97 -12.11
N THR B 77 -20.69 15.71 -12.25
CA THR B 77 -19.39 15.16 -12.59
C THR B 77 -18.48 15.19 -11.36
N TYR B 78 -17.51 14.27 -11.34
CA TYR B 78 -16.57 14.17 -10.23
C TYR B 78 -15.18 13.90 -10.77
N ALA B 79 -14.16 14.36 -10.04
CA ALA B 79 -12.78 14.19 -10.48
C ALA B 79 -11.83 14.35 -9.30
N CYS B 80 -10.56 14.02 -9.55
CA CYS B 80 -9.50 14.11 -8.55
C CYS B 80 -8.29 14.77 -9.18
N ARG B 81 -7.76 15.80 -8.51
CA ARG B 81 -6.68 16.63 -9.03
C ARG B 81 -5.47 16.51 -8.10
N VAL B 82 -4.30 16.21 -8.68
CA VAL B 82 -3.10 15.92 -7.91
C VAL B 82 -2.00 16.87 -8.30
N LYS B 83 -1.27 17.37 -7.31
CA LYS B 83 -0.08 18.20 -7.49
C LYS B 83 1.11 17.51 -6.85
N HIS B 84 2.18 17.31 -7.61
CA HIS B 84 3.37 16.63 -7.12
C HIS B 84 4.61 17.29 -7.74
N ASP B 85 5.70 17.35 -6.96
CA ASP B 85 6.91 18.01 -7.43
C ASP B 85 7.44 17.40 -8.72
N SER B 86 7.10 16.15 -9.01
CA SER B 86 7.57 15.49 -10.23
C SER B 86 6.86 15.98 -11.48
N MET B 87 5.87 16.85 -11.35
CA MET B 87 5.07 17.31 -12.47
C MET B 87 5.10 18.83 -12.55
N ALA B 88 5.22 19.35 -13.78
CA ALA B 88 5.18 20.79 -13.99
C ALA B 88 3.81 21.37 -13.70
N GLU B 89 2.75 20.61 -13.96
CA GLU B 89 1.38 21.06 -13.81
C GLU B 89 0.58 20.01 -13.06
N PRO B 90 -0.57 20.38 -12.50
CA PRO B 90 -1.42 19.39 -11.84
C PRO B 90 -1.94 18.36 -12.83
N LYS B 91 -2.47 17.27 -12.27
CA LYS B 91 -2.94 16.11 -13.04
C LYS B 91 -4.33 15.74 -12.55
N THR B 92 -5.31 15.74 -13.44
CA THR B 92 -6.70 15.47 -13.09
C THR B 92 -7.18 14.20 -13.78
N VAL B 93 -7.98 13.42 -13.05
CA VAL B 93 -8.62 12.23 -13.57
C VAL B 93 -10.10 12.29 -13.23
N TYR B 94 -10.96 12.06 -14.21
CA TYR B 94 -12.40 12.13 -14.01
C TYR B 94 -12.97 10.76 -13.70
N TRP B 95 -14.01 10.76 -12.86
CA TRP B 95 -14.74 9.52 -12.58
C TRP B 95 -15.51 9.07 -13.82
N ASP B 96 -15.29 7.83 -14.21
CA ASP B 96 -16.04 7.18 -15.29
C ASP B 96 -16.81 6.02 -14.66
N ARG B 97 -18.14 6.09 -14.71
CA ARG B 97 -18.96 5.15 -13.96
C ARG B 97 -18.81 3.71 -14.47
N ASP B 98 -18.25 3.51 -15.66
CA ASP B 98 -18.04 2.18 -16.21
C ASP B 98 -16.67 1.60 -15.88
N MET B 99 -15.81 2.36 -15.21
CA MET B 99 -14.46 1.90 -14.89
C MET B 99 -14.16 2.05 -13.41
N FME C 1 8.92 -2.10 15.10
CN FME C 1 9.14 -2.52 13.81
O1 FME C 1 9.79 -1.84 12.99
CA FME C 1 9.43 -0.84 15.58
CB FME C 1 8.59 -0.28 16.74
CG FME C 1 7.15 -0.06 16.32
SD FME C 1 7.01 1.18 15.06
CE FME C 1 7.43 2.64 15.91
C FME C 1 10.88 -1.05 16.00
O FME C 1 11.25 -1.22 17.17
H FME C 1 8.39 -2.65 15.73
HCN FME C 1 8.70 -3.51 13.58
HA FME C 1 9.45 -0.03 14.80
HB2 FME C 1 9.05 0.70 17.07
HB3 FME C 1 8.65 -0.99 17.61
HG2 FME C 1 6.54 0.25 17.20
HG3 FME C 1 6.72 -1.02 15.94
HE1 FME C 1 7.21 3.48 15.22
HE2 FME C 1 8.51 2.56 16.16
HE3 FME C 1 6.78 2.66 16.83
N PHE C 2 11.74 -1.04 14.98
CA PHE C 2 13.14 -1.41 15.12
C PHE C 2 13.96 -0.64 14.08
N PHE C 3 15.17 -0.23 14.44
CA PHE C 3 16.01 0.58 13.57
C PHE C 3 17.47 0.18 13.72
N ILE C 4 18.18 0.10 12.60
CA ILE C 4 19.61 -0.19 12.57
C ILE C 4 20.33 1.01 11.97
N ASN C 5 21.38 1.47 12.66
CA ASN C 5 22.21 2.55 12.14
C ASN C 5 23.08 2.04 11.00
N VAL C 6 23.01 2.72 9.86
CA VAL C 6 23.75 2.27 8.68
C VAL C 6 25.16 2.87 8.63
N LEU C 7 25.36 4.05 9.22
CA LEU C 7 26.66 4.69 9.22
C LEU C 7 26.88 5.43 10.55
C1 NAG D . 32.55 17.32 0.04
C2 NAG D . 31.97 18.16 1.19
C3 NAG D . 32.88 19.34 1.51
C4 NAG D . 34.32 18.89 1.71
C5 NAG D . 34.78 18.02 0.55
C6 NAG D . 36.14 17.42 0.78
C7 NAG D . 29.53 18.33 1.55
C8 NAG D . 28.25 18.91 1.05
N2 NAG D . 30.63 18.63 0.85
O3 NAG D . 32.42 19.97 2.70
O4 NAG D . 35.17 20.03 1.77
O5 NAG D . 33.87 16.92 0.37
O6 NAG D . 36.06 16.11 1.34
O7 NAG D . 29.57 17.61 2.55
H2 NAG D . 31.91 17.59 1.98
H3 NAG D . 32.84 19.97 0.76
H4 NAG D . 34.38 18.38 2.54
H5 NAG D . 34.80 18.54 -0.27
H61 NAG D . 36.65 17.99 1.40
H62 NAG D . 36.62 17.36 -0.07
H81 NAG D . 27.51 18.64 1.62
H82 NAG D . 28.09 18.60 0.14
H83 NAG D . 28.31 19.88 1.04
HN2 NAG D . 30.54 19.16 0.11
HO3 NAG D . 33.06 20.48 3.03
HO4 NAG D . 35.00 20.49 2.53
HO6 NAG D . 35.23 15.80 1.26
#